data_8ZD8
#
_entry.id   8ZD8
#
loop_
_entity.id
_entity.type
_entity.pdbx_description
1 polymer "DNA (5'-D(*CP*TP*AP*AP*CP*GP*GP*AP*AP*TP*G)-3')"
2 polymer "DNA (5'-D(*CP*AP*TP*TP*CP*GP*GP*TP*TP*AP*G)-3')"
3 non-polymer ~{N}-(7-methyl-1,8-naphthyridin-2-yl)-3-[[3-[(7-methyl-1,8-naphthyridin-2-yl)amino]-3-oxidanylidene-propyl]amino]propanamide
#
loop_
_entity_poly.entity_id
_entity_poly.type
_entity_poly.pdbx_seq_one_letter_code
_entity_poly.pdbx_strand_id
1 'polydeoxyribonucleotide' (DC)(DT)(DA)(DA)(DC)(DG)(DG)(DA)(DA)(DT)(DG) 1
2 'polydeoxyribonucleotide' (DC)(DA)(DT)(DT)(DC)(DG)(DG)(DT)(DT)(DA)(DG) 2
#
loop_
_chem_comp.id
_chem_comp.type
_chem_comp.name
_chem_comp.formula
A1L1S non-polymer ~{N}-(7-methyl-1,8-naphthyridin-2-yl)-3-[[3-[(7-methyl-1,8-naphthyridin-2-yl)amino]-3-oxidanylidene-propyl]amino]propanamide 'C24 H25 N7 O2'
DA DNA linking 2'-DEOXYADENOSINE-5'-MONOPHOSPHATE 'C10 H14 N5 O6 P'
DC DNA linking 2'-DEOXYCYTIDINE-5'-MONOPHOSPHATE 'C9 H14 N3 O7 P'
DG DNA linking 2'-DEOXYGUANOSINE-5'-MONOPHOSPHATE 'C10 H14 N5 O7 P'
DT DNA linking THYMIDINE-5'-MONOPHOSPHATE 'C10 H15 N2 O8 P'
#
# COMPACT_ATOMS: atom_id res chain seq x y z
O02 A1L1S C . -1.88 2.99 1.53
C15 A1L1S C . -2.01 1.86 1.12
N05 A1L1S C . -1.74 1.49 -0.19
C16 A1L1S C . -1.35 2.27 -1.28
C17 A1L1S C . -1.42 3.65 -1.33
C18 A1L1S C . -1.07 4.29 -2.51
C19 A1L1S C . -0.60 3.52 -3.57
C21 A1L1S C . -0.24 4.17 -4.76
C22 A1L1S C . 0.24 3.40 -5.81
C23 A1L1S C . 0.31 2.03 -5.65
C24 A1L1S C . 0.86 1.16 -6.77
N07 A1L1S C . -0.07 1.41 -4.51
C20 A1L1S C . -0.53 2.13 -3.47
N06 A1L1S C . -0.92 1.52 -2.33
C14 A1L1S C . -2.59 0.84 2.08
C13 A1L1S C . -3.17 1.52 3.33
N04 A1L1S C . -2.80 0.79 4.63
C12 A1L1S C . -1.28 0.77 4.87
C11 A1L1S C . -0.47 0.85 3.57
C10 A1L1S C . -0.21 -0.54 3.01
O01 A1L1S C . -0.85 -1.44 3.51
N03 A1L1S C . 0.76 -0.76 2.07
C09 A1L1S C . 1.22 -1.93 1.49
C08 A1L1S C . 0.96 -3.21 1.98
C07 A1L1S C . 1.55 -4.29 1.35
C05 A1L1S C . 2.31 -4.07 0.22
C06 A1L1S C . 2.53 -2.78 -0.26
N02 A1L1S C . 1.99 -1.73 0.40
C04 A1L1S C . 2.84 -5.17 -0.45
C03 A1L1S C . 3.60 -4.95 -1.58
C02 A1L1S C . 3.79 -3.65 -2.02
N01 A1L1S C . 3.27 -2.59 -1.37
C01 A1L1S C . 4.58 -3.39 -3.29
H15 A1L1S C . -1.80 0.50 -0.39
H16 A1L1S C . -1.78 4.25 -0.44
H17 A1L1S C . -1.16 5.41 -2.61
H18 A1L1S C . -0.33 5.29 -4.86
H19 A1L1S C . 0.56 3.88 -6.76
H43 A1L1S C . 0.32 0.22 -6.97
H41 A1L1S C . 1.90 0.80 -6.66
H42 A1L1S C . 0.87 1.61 -7.78
H14 A1L1S C . -3.55 0.71 1.54
H13 A1L1S C . -2.32 -0.24 1.98
H12 A1L1S C . -4.26 1.60 3.30
H11 A1L1S C . -2.81 2.55 3.45
H20 A1L1S C . -3.15 -0.18 4.59
H09 A1L1S C . -1.06 1.61 5.54
H10 A1L1S C . -1.05 -0.13 5.45
H07 A1L1S C . -0.37 1.77 2.94
H08 A1L1S C . 0.54 0.98 4.01
H06 A1L1S C . 1.17 0.08 1.66
H05 A1L1S C . 0.30 -3.35 2.88
H04 A1L1S C . 1.40 -5.33 1.75
H03 A1L1S C . 2.67 -6.20 -0.07
H02 A1L1S C . 4.05 -5.81 -2.15
H31 A1L1S C . 5.43 -2.69 -3.20
H32 A1L1S C . 4.01 -2.96 -4.14
H33 A1L1S C . 5.07 -4.27 -3.77
O02 A1L1S C . -2.60 3.18 2.00
C15 A1L1S C . -2.58 2.03 1.59
N05 A1L1S C . -2.19 1.67 0.33
C16 A1L1S C . -1.78 2.45 -0.75
C17 A1L1S C . -1.91 3.84 -0.84
C18 A1L1S C . -1.53 4.46 -2.03
C19 A1L1S C . -0.98 3.69 -3.05
C21 A1L1S C . -0.61 4.31 -4.24
C22 A1L1S C . -0.04 3.53 -5.25
C23 A1L1S C . 0.09 2.17 -5.03
C24 A1L1S C . 0.75 1.32 -6.10
N07 A1L1S C . -0.29 1.57 -3.88
C20 A1L1S C . -0.84 2.31 -2.90
N06 A1L1S C . -1.25 1.71 -1.76
C14 A1L1S C . -3.09 0.96 2.55
C13 A1L1S C . -3.93 1.57 3.69
N04 A1L1S C . -3.12 1.85 4.97
C12 A1L1S C . -1.93 0.89 5.11
C11 A1L1S C . -0.94 0.96 3.94
C10 A1L1S C . -0.56 -0.43 3.45
O01 A1L1S C . -1.18 -1.35 3.93
N03 A1L1S C . 0.52 -0.60 2.61
C09 A1L1S C . 1.04 -1.78 2.08
C08 A1L1S C . 0.79 -3.05 2.59
C07 A1L1S C . 1.43 -4.14 1.99
C05 A1L1S C . 2.22 -3.91 0.88
C06 A1L1S C . 2.42 -2.62 0.38
N02 A1L1S C . 1.84 -1.57 1.01
C04 A1L1S C . 2.77 -5.01 0.22
C03 A1L1S C . 3.53 -4.80 -0.92
C02 A1L1S C . 3.72 -3.49 -1.35
N01 A1L1S C . 3.17 -2.43 -0.73
C01 A1L1S C . 4.51 -3.25 -2.62
H15 A1L1S C . -2.14 0.68 0.15
H16 A1L1S C . -2.34 4.43 0.00
H17 A1L1S C . -1.67 5.56 -2.16
H18 A1L1S C . -0.76 5.41 -4.39
H19 A1L1S C . 0.29 4.00 -6.21
H43 A1L1S C . 0.20 0.40 -6.38
H41 A1L1S C . 1.76 0.90 -5.86
H42 A1L1S C . 0.92 1.78 -7.09
H14 A1L1S C . -3.97 0.72 1.91
H13 A1L1S C . -2.73 -0.09 2.50
H12 A1L1S C . -4.76 0.91 3.98
H11 A1L1S C . -4.41 2.51 3.39
H20 A1L1S C . -3.73 1.77 5.79
H09 A1L1S C . -1.45 1.11 6.07
H10 A1L1S C . -2.35 -0.11 5.23
H07 A1L1S C . -0.86 1.84 3.25
H08 A1L1S C . 0.01 1.20 4.46
H06 A1L1S C . 0.91 0.24 2.20
H05 A1L1S C . 0.12 -3.19 3.46
H04 A1L1S C . 1.31 -5.16 2.41
H03 A1L1S C . 2.60 -6.05 0.61
H02 A1L1S C . 4.00 -5.66 -1.46
H31 A1L1S C . 3.94 -3.24 -3.57
H32 A1L1S C . 5.33 -3.96 -2.85
H33 A1L1S C . 5.05 -2.27 -2.68
O02 A1L1S C . -1.74 3.03 1.47
C15 A1L1S C . -1.89 1.91 1.06
N05 A1L1S C . -1.64 1.54 -0.24
C16 A1L1S C . -1.27 2.31 -1.35
C17 A1L1S C . -1.33 3.70 -1.40
C18 A1L1S C . -1.01 4.33 -2.59
C19 A1L1S C . -0.55 3.56 -3.66
C21 A1L1S C . -0.21 4.19 -4.85
C22 A1L1S C . 0.25 3.42 -5.91
C23 A1L1S C . 0.32 2.05 -5.74
C24 A1L1S C . 0.86 1.18 -6.86
N07 A1L1S C . -0.03 1.43 -4.59
C20 A1L1S C . -0.48 2.17 -3.55
N06 A1L1S C . -0.87 1.56 -2.40
C14 A1L1S C . -2.48 0.89 2.03
C13 A1L1S C . -3.05 1.59 3.28
N04 A1L1S C . -2.68 0.85 4.59
C12 A1L1S C . -1.15 0.81 4.81
C11 A1L1S C . -0.36 0.89 3.49
C10 A1L1S C . -0.10 -0.51 2.93
O01 A1L1S C . -0.74 -1.40 3.43
N03 A1L1S C . 0.86 -0.71 1.97
C09 A1L1S C . 1.31 -1.89 1.39
C08 A1L1S C . 1.05 -3.17 1.88
C07 A1L1S C . 1.64 -4.25 1.26
C05 A1L1S C . 2.40 -4.02 0.11
C06 A1L1S C . 2.60 -2.73 -0.37
N02 A1L1S C . 2.08 -1.67 0.29
C04 A1L1S C . 2.93 -5.12 -0.56
C03 A1L1S C . 3.67 -4.90 -1.71
C02 A1L1S C . 3.85 -3.59 -2.14
N01 A1L1S C . 3.33 -2.53 -1.50
C01 A1L1S C . 4.62 -3.33 -3.42
H15 A1L1S C . -1.71 0.55 -0.45
H16 A1L1S C . -1.68 4.28 -0.52
H17 A1L1S C . -1.10 5.44 -2.69
H18 A1L1S C . -0.30 5.31 -4.96
H19 A1L1S C . 0.56 3.90 -6.87
H43 A1L1S C . 0.29 0.24 -7.07
H41 A1L1S C . 1.89 0.80 -6.77
H42 A1L1S C . 0.86 1.64 -7.88
H14 A1L1S C . -3.45 0.78 1.49
H13 A1L1S C . -2.23 -0.19 1.93
H12 A1L1S C . -4.13 1.68 3.26
H11 A1L1S C . -2.67 2.61 3.39
H20 A1L1S C . -3.04 -0.11 4.55
H09 A1L1S C . -0.91 1.64 5.49
H10 A1L1S C . -0.94 -0.11 5.38
H07 A1L1S C . -0.25 1.81 2.88
H08 A1L1S C . 0.65 1.01 3.95
H06 A1L1S C . 1.26 0.12 1.56
H05 A1L1S C . 0.41 -3.31 2.78
H04 A1L1S C . 1.50 -5.29 1.65
H03 A1L1S C . 2.75 -6.16 -0.18
H02 A1L1S C . 4.11 -5.75 -2.28
H31 A1L1S C . 5.08 -4.21 -3.93
H32 A1L1S C . 5.50 -2.65 -3.34
H33 A1L1S C . 4.05 -2.86 -4.25
O02 A1L1S C . -2.61 2.86 2.04
C15 A1L1S C . -2.74 1.72 1.65
N05 A1L1S C . -2.35 1.29 0.40
C16 A1L1S C . -1.81 2.00 -0.68
C17 A1L1S C . -1.81 3.38 -0.78
C18 A1L1S C . -1.31 3.96 -1.94
C19 A1L1S C . -0.76 3.14 -2.92
C21 A1L1S C . -0.26 3.72 -4.07
C22 A1L1S C . 0.29 2.89 -5.04
C23 A1L1S C . 0.28 1.52 -4.82
C24 A1L1S C . 0.92 0.60 -5.86
N07 A1L1S C . -0.23 0.96 -3.71
C20 A1L1S C . -0.77 1.74 -2.76
N06 A1L1S C . -1.31 1.20 -1.64
C14 A1L1S C . -3.48 0.76 2.57
C13 A1L1S C . -4.21 1.52 3.70
N04 A1L1S C . -4.08 0.82 5.06
C12 A1L1S C . -2.62 0.75 5.53
C11 A1L1S C . -1.63 0.71 4.36
C10 A1L1S C . -1.33 -0.72 3.94
O01 A1L1S C . -2.04 -1.57 4.40
N03 A1L1S C . -0.23 -0.99 3.16
C09 A1L1S C . 0.24 -2.21 2.67
C08 A1L1S C . -0.14 -3.46 3.16
C07 A1L1S C . 0.47 -4.58 2.63
C05 A1L1S C . 1.36 -4.43 1.57
C06 A1L1S C . 1.68 -3.15 1.09
N02 A1L1S C . 1.13 -2.06 1.67
C04 A1L1S C . 1.90 -5.56 0.95
C03 A1L1S C . 2.78 -5.40 -0.10
C02 A1L1S C . 3.07 -4.11 -0.52
N01 A1L1S C . 2.52 -3.01 0.04
C01 A1L1S C . 3.99 -3.91 -1.71
H15 A1L1S C . -2.43 0.30 0.23
H16 A1L1S C . -2.23 4.02 0.03
H17 A1L1S C . -1.34 5.07 -2.08
H18 A1L1S C . -0.29 4.84 -4.23
H19 A1L1S C . 0.73 3.32 -5.98
H43 A1L1S C . 0.35 -0.33 -6.09
H41 A1L1S C . 1.93 0.20 -5.62
H42 A1L1S C . 1.06 1.01 -6.87
H14 A1L1S C . -4.36 0.61 1.91
H13 A1L1S C . -3.21 -0.32 2.57
H12 A1L1S C . -5.28 1.66 3.50
H11 A1L1S C . -3.81 2.53 3.83
H20 A1L1S C . -4.46 -0.13 4.99
H09 A1L1S C . -2.46 1.62 6.19
H10 A1L1S C . -2.53 -0.12 6.19
H07 A1L1S C . -1.41 1.58 3.70
H08 A1L1S C . -0.68 0.85 4.93
H06 A1L1S C . 0.24 -0.19 2.77
H05 A1L1S C . -0.88 -3.56 3.98
H04 A1L1S C . 0.23 -5.61 3.02
H03 A1L1S C . 1.62 -6.58 1.32
H02 A1L1S C . 3.24 -6.28 -0.60
H31 A1L1S C . 4.77 -3.13 -1.60
H32 A1L1S C . 3.50 -3.59 -2.66
H33 A1L1S C . 4.60 -4.78 -2.05
O02 A1L1S C . -1.75 3.30 1.20
C15 A1L1S C . -1.81 2.14 0.87
N05 A1L1S C . -1.60 1.71 -0.42
C16 A1L1S C . -1.29 2.43 -1.58
C17 A1L1S C . -1.40 3.81 -1.71
C18 A1L1S C . -1.12 4.38 -2.94
C19 A1L1S C . -0.67 3.57 -3.97
C21 A1L1S C . -0.38 4.14 -5.20
C22 A1L1S C . 0.08 3.32 -6.22
C23 A1L1S C . 0.20 1.96 -5.98
C24 A1L1S C . 0.74 1.05 -7.08
N07 A1L1S C . -0.09 1.40 -4.80
C20 A1L1S C . -0.55 2.18 -3.78
N06 A1L1S C . -0.87 1.64 -2.58
C14 A1L1S C . -2.26 1.14 1.93
C13 A1L1S C . -2.81 1.86 3.18
N04 A1L1S C . -2.29 1.25 4.49
C12 A1L1S C . -0.76 1.40 4.62
C11 A1L1S C . -0.05 1.38 3.26
C10 A1L1S C . 0.23 -0.05 2.81
O01 A1L1S C . -0.34 -0.92 3.42
N03 A1L1S C . 1.16 -0.32 1.83
C09 A1L1S C . 1.62 -1.53 1.32
C08 A1L1S C . 1.41 -2.77 1.94
C07 A1L1S C . 2.00 -3.88 1.36
C05 A1L1S C . 2.71 -3.74 0.18
C06 A1L1S C . 2.86 -2.47 -0.41
N02 A1L1S C . 2.33 -1.39 0.18
C04 A1L1S C . 3.22 -4.86 -0.44
C03 A1L1S C . 3.93 -4.72 -1.62
C02 A1L1S C . 4.07 -3.45 -2.16
N01 A1L1S C . 3.54 -2.36 -1.58
C01 A1L1S C . 4.79 -3.27 -3.48
H15 A1L1S C . -1.60 0.70 -0.56
H16 A1L1S C . -1.74 4.44 -0.85
H17 A1L1S C . -1.25 5.48 -3.10
H18 A1L1S C . -0.51 5.24 -5.37
H19 A1L1S C . 0.35 3.75 -7.23
H43 A1L1S C . 0.69 1.44 -8.12
H41 A1L1S C . 0.22 0.07 -7.19
H42 A1L1S C . 1.80 0.74 -7.00
H14 A1L1S C . -3.24 0.93 1.46
H13 A1L1S C . -1.93 0.09 1.86
H12 A1L1S C . -3.90 1.85 3.21
H11 A1L1S C . -2.54 2.93 3.20
H20 A1L1S C . -2.54 0.25 4.51
H09 A1L1S C . -0.57 2.32 5.18
H10 A1L1S C . -0.42 0.59 5.29
H07 A1L1S C . -0.06 2.24 2.55
H08 A1L1S C . 0.99 1.59 3.60
H06 A1L1S C . 1.51 0.49 1.33
H05 A1L1S C . 0.82 -2.85 2.87
H04 A1L1S C . 1.90 -4.88 1.85
H03 A1L1S C . 3.07 -5.88 0.02
H02 A1L1S C . 4.36 -5.61 -2.14
H31 A1L1S C . 5.62 -3.99 -3.70
H32 A1L1S C . 5.32 -2.30 -3.64
H33 A1L1S C . 4.18 -3.36 -4.40
O02 A1L1S C . -2.54 2.77 1.76
C15 A1L1S C . -2.65 1.63 1.38
N05 A1L1S C . -2.27 1.19 0.12
C16 A1L1S C . -1.76 1.91 -0.96
C17 A1L1S C . -1.76 3.29 -1.07
C18 A1L1S C . -1.27 3.87 -2.24
C19 A1L1S C . -0.74 3.04 -3.22
C21 A1L1S C . -0.24 3.62 -4.38
C22 A1L1S C . 0.31 2.79 -5.35
C23 A1L1S C . 0.31 1.43 -5.13
C24 A1L1S C . 0.94 0.51 -6.15
N07 A1L1S C . -0.19 0.87 -4.01
C20 A1L1S C . -0.73 1.65 -3.04
N06 A1L1S C . -1.26 1.11 -1.93
C14 A1L1S C . -3.37 0.66 2.31
C13 A1L1S C . -4.09 1.42 3.45
N04 A1L1S C . -3.94 0.72 4.81
C12 A1L1S C . -2.47 0.66 5.27
C11 A1L1S C . -1.49 0.61 4.08
C10 A1L1S C . -1.21 -0.83 3.67
O01 A1L1S C . -1.93 -1.68 4.13
N03 A1L1S C . -0.12 -1.11 2.88
C09 A1L1S C . 0.36 -2.32 2.40
C08 A1L1S C . -0.02 -3.57 2.88
C07 A1L1S C . 0.60 -4.69 2.35
C05 A1L1S C . 1.49 -4.53 1.29
C06 A1L1S C . 1.81 -3.26 0.82
N02 A1L1S C . 1.24 -2.17 1.40
C04 A1L1S C . 2.03 -5.67 0.70
C03 A1L1S C . 2.91 -5.50 -0.36
C02 A1L1S C . 3.21 -4.22 -0.78
N01 A1L1S C . 2.66 -3.13 -0.22
C01 A1L1S C . 4.14 -4.02 -1.97
H15 A1L1S C . -2.35 0.20 -0.04
H16 A1L1S C . -2.18 3.93 -0.26
H17 A1L1S C . -1.32 4.98 -2.38
H18 A1L1S C . -0.28 4.74 -4.52
H19 A1L1S C . 0.74 3.22 -6.29
H43 A1L1S C . 1.95 0.10 -5.91
H41 A1L1S C . 1.10 0.93 -7.18
H42 A1L1S C . 0.38 -0.42 -6.41
H14 A1L1S C . -4.27 0.50 1.67
H13 A1L1S C . -3.09 -0.40 2.30
H12 A1L1S C . -5.16 1.55 3.26
H11 A1L1S C . -3.70 2.43 3.58
H20 A1L1S C . -4.32 -0.23 4.75
H09 A1L1S C . -2.30 1.52 5.92
H10 A1L1S C . -2.38 -0.21 5.93
H07 A1L1S C . -1.30 1.48 3.41
H08 A1L1S C . -0.53 0.76 4.63
H06 A1L1S C . 0.36 -0.30 2.48
H05 A1L1S C . -0.76 -3.67 3.71
H04 A1L1S C . 0.37 -5.71 2.75
H03 A1L1S C . 1.75 -6.68 1.05
H02 A1L1S C . 3.38 -6.39 -0.86
H31 A1L1S C . 4.78 -3.11 -1.94
H32 A1L1S C . 3.65 -3.92 -2.96
H33 A1L1S C . 4.90 -4.81 -2.16
O02 A1L1S C . -3.06 2.23 4.44
C15 A1L1S C . -3.11 1.14 3.94
N05 A1L1S C . -2.88 0.93 2.59
C16 A1L1S C . -2.52 1.85 1.60
C17 A1L1S C . -2.62 3.23 1.77
C18 A1L1S C . -2.32 4.05 0.69
C19 A1L1S C . -1.86 3.47 -0.48
C21 A1L1S C . -1.53 4.30 -1.55
C22 A1L1S C . -1.08 3.72 -2.73
C23 A1L1S C . -0.98 2.34 -2.80
C24 A1L1S C . -0.45 1.69 -4.05
N07 A1L1S C . -1.31 1.54 -1.75
C20 A1L1S C . -1.76 2.08 -0.60
N06 A1L1S C . -2.11 1.29 0.44
C14 A1L1S C . -3.52 0.03 4.88
C13 A1L1S C . -4.19 0.60 6.15
N04 A1L1S C . -3.18 0.97 7.26
C12 A1L1S C . -1.90 0.12 7.17
C11 A1L1S C . -1.11 0.37 5.87
C10 A1L1S C . -0.73 -0.95 5.21
O01 A1L1S C . -1.24 -1.93 5.69
N03 A1L1S C . 0.20 -1.00 4.20
C09 A1L1S C . 0.60 -2.11 3.46
C08 A1L1S C . 0.37 -3.43 3.85
C07 A1L1S C . 0.87 -4.45 3.07
C05 A1L1S C . 1.50 -4.14 1.87
C06 A1L1S C . 1.68 -2.80 1.50
N02 A1L1S C . 1.24 -1.81 2.30
C04 A1L1S C . 1.91 -5.17 1.06
C03 A1L1S C . 2.53 -4.87 -0.14
C02 A1L1S C . 2.71 -3.53 -0.47
N01 A1L1S C . 2.29 -2.52 0.33
C01 A1L1S C . 3.35 -3.17 -1.80
H15 A1L1S C . -2.86 -0.03 2.28
H16 A1L1S C . -2.97 3.66 2.73
H17 A1L1S C . -2.43 5.16 0.77
H18 A1L1S C . -1.63 5.41 -1.46
H19 A1L1S C . -0.79 4.35 -3.60
H43 A1L1S C . -0.20 2.35 -4.90
H41 A1L1S C . -1.13 0.95 -4.55
H42 A1L1S C . 0.48 1.08 -3.95
H14 A1L1S C . -4.44 -0.23 4.32
H13 A1L1S C . -3.14 -1.02 4.79
H12 A1L1S C . -4.90 -0.11 6.59
H11 A1L1S C . -4.77 1.49 5.93
H20 A1L1S C . -3.62 0.83 8.17
H09 A1L1S C . -1.30 0.35 8.07
H10 A1L1S C . -2.20 -0.92 7.29
H07 A1L1S C . -1.11 1.30 5.26
H08 A1L1S C . -0.11 0.59 6.29
H06 A1L1S C . 0.50 -0.11 3.81
H05 A1L1S C . -0.17 -3.65 4.80
H04 A1L1S C . 0.76 -5.52 3.39
H03 A1L1S C . 1.76 -6.23 1.37
H02 A1L1S C . 2.87 -5.68 -0.84
H31 A1L1S C . 2.71 -2.66 -2.55
H32 A1L1S C . 3.79 -4.00 -2.39
H33 A1L1S C . 4.21 -2.47 -1.75
O02 A1L1S C . -1.94 3.10 1.82
C15 A1L1S C . -1.98 1.92 1.57
N05 A1L1S C . -1.81 1.42 0.30
C16 A1L1S C . -1.50 2.09 -0.90
C17 A1L1S C . -1.61 3.47 -1.05
C18 A1L1S C . -1.37 4.03 -2.29
C19 A1L1S C . -0.99 3.20 -3.34
C21 A1L1S C . -0.76 3.76 -4.59
C22 A1L1S C . -0.35 2.94 -5.63
C23 A1L1S C . -0.21 1.58 -5.37
C24 A1L1S C . 0.28 0.68 -6.47
N07 A1L1S C . -0.45 1.04 -4.16
C20 A1L1S C . -0.85 1.82 -3.13
N06 A1L1S C . -1.13 1.28 -1.92
C14 A1L1S C . -2.33 1.03 2.75
C13 A1L1S C . -2.95 1.85 3.90
N04 A1L1S C . -1.91 2.31 4.95
C12 A1L1S C . -0.63 1.45 4.93
C11 A1L1S C . 0.07 1.48 3.56
C10 A1L1S C . 0.39 0.07 3.09
O01 A1L1S C . -0.12 -0.83 3.73
N03 A1L1S C . 1.26 -0.16 2.05
C09 A1L1S C . 1.69 -1.36 1.50
C08 A1L1S C . 1.50 -2.60 2.13
C07 A1L1S C . 2.03 -3.72 1.52
C05 A1L1S C . 2.65 -3.59 0.29
C06 A1L1S C . 2.78 -2.34 -0.32
N02 A1L1S C . 2.31 -1.23 0.31
C04 A1L1S C . 3.10 -4.73 -0.34
C03 A1L1S C . 3.68 -4.62 -1.59
C02 A1L1S C . 3.81 -3.35 -2.15
N01 A1L1S C . 3.36 -2.23 -1.54
C01 A1L1S C . 4.42 -3.20 -3.54
H15 A1L1S C . -1.80 0.41 0.21
H16 A1L1S C . -1.90 4.11 -0.18
H17 A1L1S C . -1.49 5.13 -2.45
H18 A1L1S C . -0.92 4.86 -4.76
H19 A1L1S C . -0.15 3.36 -6.64
H43 A1L1S C . -0.38 -0.18 -6.76
H41 A1L1S C . 1.25 0.16 -6.31
H42 A1L1S C . 0.45 1.14 -7.47
H14 A1L1S C . -3.32 0.76 2.32
H13 A1L1S C . -2.04 -0.04 2.82
H12 A1L1S C . -3.71 1.29 4.44
H11 A1L1S C . -3.46 2.76 3.54
H20 A1L1S C . -2.33 2.27 5.88
H09 A1L1S C . 0.00 1.79 5.75
H10 A1L1S C . -0.94 0.44 5.21
H07 A1L1S C . 0.03 2.32 2.84
H08 A1L1S C . 1.10 1.75 3.89
H06 A1L1S C . 1.55 0.66 1.53
H05 A1L1S C . 0.98 -2.67 3.10
H04 A1L1S C . 1.95 -4.73 2.01
H03 A1L1S C . 3.01 -5.73 0.15
H02 A1L1S C . 4.05 -5.52 -2.13
H31 A1L1S C . 4.77 -4.13 -4.04
H32 A1L1S C . 5.32 -2.56 -3.60
H33 A1L1S C . 3.76 -2.76 -4.32
O02 A1L1S C . -2.75 2.94 1.61
C15 A1L1S C . -2.76 1.79 1.23
N05 A1L1S C . -2.31 1.40 -0.01
C16 A1L1S C . -1.80 2.16 -1.07
C17 A1L1S C . -1.91 3.54 -1.17
C18 A1L1S C . -1.44 4.17 -2.32
C19 A1L1S C . -0.84 3.38 -3.30
C21 A1L1S C . -0.37 4.00 -4.46
C22 A1L1S C . 0.25 3.22 -5.42
C23 A1L1S C . 0.36 1.85 -5.20
C24 A1L1S C . 1.08 0.98 -6.21
N07 A1L1S C . -0.11 1.26 -4.09
C20 A1L1S C . -0.73 2.00 -3.13
N06 A1L1S C . -1.23 1.40 -2.03
C14 A1L1S C . -3.36 0.76 2.18
C13 A1L1S C . -4.21 1.46 3.27
N04 A1L1S C . -3.40 1.83 4.52
C12 A1L1S C . -2.23 0.87 4.77
C11 A1L1S C . -1.21 0.87 3.61
C10 A1L1S C . -0.83 -0.56 3.22
O01 A1L1S C . -1.49 -1.45 3.69
N03 A1L1S C . 0.27 -0.77 2.42
C09 A1L1S C . 0.81 -1.96 1.95
C08 A1L1S C . 0.51 -3.21 2.47
C07 A1L1S C . 1.16 -4.32 1.94
C05 A1L1S C . 2.02 -4.14 0.87
C06 A1L1S C . 2.26 -2.85 0.36
N02 A1L1S C . 1.66 -1.79 0.92
C04 A1L1S C . 2.62 -5.25 0.29
C03 A1L1S C . 3.46 -5.07 -0.79
C02 A1L1S C . 3.68 -3.78 -1.27
N01 A1L1S C . 3.09 -2.71 -0.70
C01 A1L1S C . 4.55 -3.56 -2.48
H15 A1L1S C . -2.29 0.40 -0.17
H16 A1L1S C . -2.39 4.14 -0.35
H17 A1L1S C . -1.54 5.26 -2.45
H18 A1L1S C . -0.49 5.10 -4.62
H19 A1L1S C . 0.67 3.68 -6.36
H43 A1L1S C . 0.55 0.06 -6.52
H41 A1L1S C . 2.08 0.58 -5.91
H42 A1L1S C . 1.31 1.44 -7.20
H14 A1L1S C . -4.22 0.51 1.52
H13 A1L1S C . -3.01 -0.29 2.22
H12 A1L1S C . -5.04 0.82 3.61
H11 A1L1S C . -4.69 2.37 2.91
H20 A1L1S C . -4.02 1.83 5.34
H09 A1L1S C . -1.78 1.13 5.73
H10 A1L1S C . -2.67 -0.13 4.92
H07 A1L1S C . -1.08 1.72 2.92
H08 A1L1S C . -0.27 1.10 4.17
H06 A1L1S C . 0.68 0.06 2.01
H05 A1L1S C . -0.22 -3.33 3.30
H04 A1L1S C . 0.99 -5.34 2.37
H03 A1L1S C . 2.42 -6.27 0.69
H02 A1L1S C . 3.96 -5.95 -1.29
H31 A1L1S C . 5.08 -2.59 -2.54
H32 A1L1S C . 4.06 -3.61 -3.47
H33 A1L1S C . 5.40 -4.27 -2.62
O02 A1L1S C . -1.48 3.23 1.45
C15 A1L1S C . -1.51 2.08 1.08
N05 A1L1S C . -1.32 1.70 -0.23
C16 A1L1S C . -1.04 2.46 -1.37
C17 A1L1S C . -1.19 3.83 -1.45
C18 A1L1S C . -0.94 4.45 -2.67
C19 A1L1S C . -0.49 3.68 -3.73
C21 A1L1S C . -0.25 4.30 -4.96
C22 A1L1S C . 0.23 3.52 -6.01
C23 A1L1S C . 0.42 2.16 -5.80
C24 A1L1S C . 0.99 1.30 -6.92
N07 A1L1S C . 0.16 1.56 -4.61
C20 A1L1S C . -0.30 2.30 -3.58
N06 A1L1S C . -0.59 1.71 -2.40
C14 A1L1S C . -1.90 1.04 2.12
C13 A1L1S C . -2.43 1.70 3.41
N04 A1L1S C . -1.89 1.03 4.68
C12 A1L1S C . -0.36 1.17 4.78
C11 A1L1S C . 0.33 1.21 3.40
C10 A1L1S C . 0.62 -0.19 2.90
O01 A1L1S C . 0.07 -1.09 3.50
N03 A1L1S C . 1.53 -0.41 1.90
C09 A1L1S C . 2.01 -1.61 1.36
C08 A1L1S C . 1.85 -2.85 1.93
C07 A1L1S C . 2.45 -3.95 1.33
C05 A1L1S C . 3.13 -3.75 0.13
C06 A1L1S C . 3.25 -2.48 -0.43
N02 A1L1S C . 2.69 -1.42 0.20
C04 A1L1S C . 3.66 -4.86 -0.53
C03 A1L1S C . 4.33 -4.68 -1.72
C02 A1L1S C . 4.42 -3.39 -2.24
N01 A1L1S C . 3.89 -2.32 -1.62
C01 A1L1S C . 5.10 -3.17 -3.57
H15 A1L1S C . -1.28 0.70 -0.40
H16 A1L1S C . -1.55 4.43 -0.58
H17 A1L1S C . -1.10 5.55 -2.80
H18 A1L1S C . -0.46 5.39 -5.11
H19 A1L1S C . 0.46 3.98 -6.99
H43 A1L1S C . 1.04 1.76 -7.93
H41 A1L1S C . 0.44 0.36 -7.13
H42 A1L1S C . 2.03 0.92 -6.78
H14 A1L1S C . -2.90 0.81 1.68
H13 A1L1S C . -1.55 -0.02 2.00
H12 A1L1S C . -3.53 1.67 3.47
H11 A1L1S C . -2.17 2.75 3.46
H20 A1L1S C . -2.14 0.04 4.69
H09 A1L1S C . -0.16 2.08 5.37
H10 A1L1S C . 0.00 0.35 5.41
H07 A1L1S C . 0.28 2.10 2.73
H08 A1L1S C . 1.38 1.44 3.74
H06 A1L1S C . 1.86 0.41 1.40
H05 A1L1S C . 1.28 -2.97 2.88
H04 A1L1S C . 2.39 -4.96 1.79
H03 A1L1S C . 3.56 -5.88 -0.08
H02 A1L1S C . 4.78 -5.54 -2.27
H31 A1L1S C . 5.94 -3.85 -3.83
H32 A1L1S C . 5.59 -2.18 -3.72
H33 A1L1S C . 4.46 -3.25 -4.48
#